data_4LXH
#
_entry.id   4LXH
#
_cell.length_a   66.596
_cell.length_b   66.596
_cell.length_c   338.179
_cell.angle_alpha   90.00
_cell.angle_beta   90.00
_cell.angle_gamma   120.00
#
_symmetry.space_group_name_H-M   'P 65 2 2'
#
loop_
_entity.id
_entity.type
_entity.pdbx_description
1 polymer 'MCP Hydrolase'
2 non-polymer '(2Z,4E)-3-chloro-2-hydroxy-6-oxo-6-phenylhexa-2,4-dienoic acid'
3 non-polymer 'SODIUM ION'
4 water water
#
_entity_poly.entity_id   1
_entity_poly.type   'polypeptide(L)'
_entity_poly.pdbx_seq_one_letter_code
;MFEQFESKFIDCDGIRTHYIEMGEGDPLVLVHGGGAGADGRSNFADNFPIFARHMRVIAYDMVGFGQTDAPDPAGFAYTQ
AARTDHLISFIKALGLSKICLIGNAMGGTTACGAALKAPELIDRLVLMGAAVNISPDDMVANRDDLAAVMSYDGSEEGMR
KIIAALTHSYQPTDDIVHYRHEASLRPTTTAAYKATMGWAKQNGLYYSPEQLASLTMPVLVLGGKNDVMVPVRKVIDQIL
AIPQAIGHVFPNCGHWVMIEYPEEFCTQTLHFFGKLD
;
_entity_poly.pdbx_strand_id   A
#
# COMPACT_ATOMS: atom_id res chain seq x y z
N MET A 1 -2.50 -19.65 5.04
CA MET A 1 -2.42 -18.59 6.06
C MET A 1 -3.53 -17.63 5.84
N PHE A 2 -3.91 -16.92 6.92
CA PHE A 2 -4.91 -15.86 6.84
C PHE A 2 -6.29 -16.32 6.58
N GLU A 3 -6.62 -17.58 6.89
CA GLU A 3 -7.98 -18.08 6.59
C GLU A 3 -9.00 -17.57 7.62
N GLN A 4 -8.51 -16.84 8.64
CA GLN A 4 -9.43 -16.15 9.53
C GLN A 4 -10.31 -15.17 8.80
N PHE A 5 -9.86 -14.67 7.65
CA PHE A 5 -10.69 -13.76 6.88
C PHE A 5 -11.30 -14.54 5.73
N GLU A 6 -12.53 -14.24 5.40
CA GLU A 6 -13.20 -14.76 4.23
C GLU A 6 -12.86 -14.00 2.94
N SER A 7 -12.18 -14.66 2.02
CA SER A 7 -12.05 -14.15 0.64
C SER A 7 -13.37 -13.87 -0.04
N LYS A 8 -13.54 -12.64 -0.51
CA LYS A 8 -14.67 -12.25 -1.31
C LYS A 8 -14.18 -11.66 -2.64
N PHE A 9 -15.09 -11.59 -3.63
CA PHE A 9 -14.70 -11.20 -5.01
C PHE A 9 -15.83 -10.38 -5.54
N ILE A 10 -15.46 -9.38 -6.34
CA ILE A 10 -16.40 -8.49 -6.96
C ILE A 10 -15.79 -8.07 -8.28
N ASP A 11 -16.67 -7.79 -9.24
CA ASP A 11 -16.24 -7.41 -10.57
C ASP A 11 -16.01 -5.92 -10.62
N CYS A 12 -14.81 -5.50 -11.03
CA CYS A 12 -14.48 -4.08 -11.23
C CYS A 12 -14.16 -3.83 -12.69
N ASP A 13 -15.19 -3.44 -13.45
CA ASP A 13 -15.05 -3.24 -14.91
C ASP A 13 -14.17 -4.30 -15.53
N GLY A 14 -14.56 -5.55 -15.30
CA GLY A 14 -13.91 -6.67 -15.92
C GLY A 14 -12.71 -7.21 -15.19
N ILE A 15 -12.30 -6.57 -14.09
CA ILE A 15 -11.23 -7.12 -13.29
C ILE A 15 -11.91 -7.74 -12.05
N ARG A 16 -11.80 -9.04 -11.94
CA ARG A 16 -12.28 -9.78 -10.79
C ARG A 16 -11.29 -9.49 -9.67
N THR A 17 -11.84 -8.94 -8.59
CA THR A 17 -11.01 -8.30 -7.52
C THR A 17 -11.24 -9.00 -6.18
N HIS A 18 -10.17 -9.56 -5.60
CA HIS A 18 -10.20 -10.15 -4.29
C HIS A 18 -10.16 -9.11 -3.18
N TYR A 19 -11.04 -9.24 -2.18
CA TYR A 19 -10.98 -8.43 -0.98
C TYR A 19 -11.47 -9.21 0.27
N ILE A 20 -11.03 -8.74 1.43
CA ILE A 20 -11.54 -9.19 2.72
C ILE A 20 -12.11 -7.99 3.45
N GLU A 21 -13.14 -8.22 4.25
CA GLU A 21 -13.69 -7.18 5.08
C GLU A 21 -14.02 -7.69 6.51
N MET A 22 -14.23 -6.77 7.46
CA MET A 22 -14.50 -7.13 8.85
C MET A 22 -15.12 -5.91 9.50
N GLY A 23 -16.02 -6.09 10.46
CA GLY A 23 -16.51 -4.95 11.21
C GLY A 23 -17.68 -4.33 10.53
N GLU A 24 -18.24 -3.30 11.17
CA GLU A 24 -19.44 -2.63 10.75
C GLU A 24 -19.25 -1.15 10.94
N GLY A 25 -19.94 -0.40 10.12
CA GLY A 25 -19.97 1.02 10.33
C GLY A 25 -19.34 1.71 9.17
N ASP A 26 -18.67 2.80 9.45
CA ASP A 26 -18.15 3.61 8.38
C ASP A 26 -17.00 2.88 7.65
N PRO A 27 -16.92 3.01 6.31
CA PRO A 27 -15.93 2.25 5.56
C PRO A 27 -14.50 2.81 5.56
N LEU A 28 -13.57 1.91 5.74
CA LEU A 28 -12.17 2.17 5.67
C LEU A 28 -11.60 1.19 4.67
N VAL A 29 -11.04 1.73 3.58
CA VAL A 29 -10.25 0.89 2.64
C VAL A 29 -8.78 0.99 2.86
N LEU A 30 -8.09 -0.14 2.96
CA LEU A 30 -6.69 -0.26 3.03
C LEU A 30 -6.07 -0.72 1.65
N VAL A 31 -5.04 -0.03 1.19
CA VAL A 31 -4.34 -0.35 -0.04
C VAL A 31 -2.91 -0.77 0.24
N HIS A 32 -2.60 -2.01 -0.03
CA HIS A 32 -1.28 -2.56 0.14
C HIS A 32 -0.23 -1.98 -0.78
N GLY A 33 0.99 -2.28 -0.43
CA GLY A 33 2.15 -1.85 -1.17
C GLY A 33 2.45 -2.70 -2.38
N GLY A 34 3.55 -2.42 -3.02
CA GLY A 34 3.91 -3.06 -4.25
C GLY A 34 5.13 -3.92 -4.24
N GLY A 35 5.41 -4.57 -3.13
CA GLY A 35 6.49 -5.53 -3.08
C GLY A 35 6.08 -6.83 -3.75
N ALA A 36 7.06 -7.65 -4.06
CA ALA A 36 6.82 -8.90 -4.81
C ALA A 36 5.99 -9.83 -3.92
N GLY A 37 4.78 -10.13 -4.33
CA GLY A 37 3.94 -11.03 -3.58
C GLY A 37 3.06 -10.36 -2.54
N ALA A 38 2.98 -9.02 -2.56
CA ALA A 38 2.17 -8.26 -1.61
C ALA A 38 0.71 -8.44 -1.90
N ASP A 39 -0.09 -8.34 -0.85
CA ASP A 39 -1.52 -8.36 -0.97
C ASP A 39 -2.09 -7.77 0.33
N GLY A 40 -3.40 -7.63 0.39
CA GLY A 40 -4.16 -7.02 1.42
C GLY A 40 -3.98 -7.69 2.76
N ARG A 41 -4.15 -9.01 2.77
CA ARG A 41 -4.10 -9.73 4.05
C ARG A 41 -2.68 -9.86 4.58
N SER A 42 -1.68 -10.01 3.76
CA SER A 42 -0.34 -9.99 4.36
C SER A 42 0.12 -8.59 4.84
N ASN A 43 -0.44 -7.55 4.28
CA ASN A 43 -0.01 -6.23 4.63
C ASN A 43 -0.75 -5.86 5.86
N PHE A 44 -1.96 -6.31 5.96
CA PHE A 44 -2.74 -5.73 7.02
C PHE A 44 -3.32 -6.68 8.08
N ALA A 45 -2.94 -7.93 8.13
CA ALA A 45 -3.57 -8.88 9.04
C ALA A 45 -3.64 -8.43 10.50
N ASP A 46 -2.53 -7.96 11.00
CA ASP A 46 -2.41 -7.38 12.37
C ASP A 46 -3.37 -6.23 12.71
N ASN A 47 -3.73 -5.38 11.76
CA ASN A 47 -4.51 -4.20 12.04
C ASN A 47 -5.98 -4.42 11.93
N PHE A 48 -6.33 -5.41 11.15
CA PHE A 48 -7.71 -5.70 10.82
C PHE A 48 -8.62 -5.86 12.03
N PRO A 49 -8.23 -6.61 13.03
CA PRO A 49 -9.11 -6.78 14.18
C PRO A 49 -9.22 -5.49 14.99
N ILE A 50 -8.14 -4.68 15.01
CA ILE A 50 -8.22 -3.39 15.72
C ILE A 50 -9.22 -2.48 15.00
N PHE A 51 -9.02 -2.25 13.70
CA PHE A 51 -9.91 -1.39 12.96
C PHE A 51 -11.37 -1.81 13.00
N ALA A 52 -11.57 -3.14 13.03
CA ALA A 52 -12.90 -3.72 12.85
C ALA A 52 -13.81 -3.46 14.10
N ARG A 53 -13.20 -3.14 15.23
CA ARG A 53 -13.95 -2.71 16.39
C ARG A 53 -14.62 -1.39 16.21
N HIS A 54 -14.20 -0.63 15.22
CA HIS A 54 -14.75 0.73 15.08
C HIS A 54 -15.32 1.00 13.75
N MET A 55 -14.89 0.24 12.74
CA MET A 55 -15.32 0.60 11.39
C MET A 55 -15.53 -0.67 10.58
N ARG A 56 -16.13 -0.50 9.41
CA ARG A 56 -16.04 -1.56 8.40
C ARG A 56 -14.74 -1.45 7.61
N VAL A 57 -13.77 -2.27 7.97
CA VAL A 57 -12.48 -2.27 7.33
C VAL A 57 -12.38 -3.30 6.16
N ILE A 58 -11.69 -2.88 5.09
CA ILE A 58 -11.69 -3.57 3.77
C ILE A 58 -10.33 -3.51 3.16
N ALA A 59 -9.73 -4.64 2.86
CA ALA A 59 -8.45 -4.62 2.15
C ALA A 59 -8.69 -5.42 0.84
N TYR A 60 -8.19 -4.92 -0.29
CA TYR A 60 -8.40 -5.53 -1.62
C TYR A 60 -7.03 -5.76 -2.19
N ASP A 61 -6.94 -6.60 -3.24
CA ASP A 61 -5.68 -6.78 -3.89
C ASP A 61 -5.68 -5.92 -5.17
N MET A 62 -4.66 -5.09 -5.35
CA MET A 62 -4.54 -4.25 -6.54
C MET A 62 -4.35 -5.14 -7.81
N VAL A 63 -4.84 -4.65 -8.94
CA VAL A 63 -4.66 -5.32 -10.24
C VAL A 63 -3.23 -5.74 -10.37
N GLY A 64 -3.05 -7.04 -10.55
CA GLY A 64 -1.73 -7.57 -10.72
C GLY A 64 -1.16 -8.28 -9.52
N PHE A 65 -1.84 -8.17 -8.38
CA PHE A 65 -1.38 -8.70 -7.11
C PHE A 65 -2.42 -9.68 -6.54
N GLY A 66 -1.89 -10.54 -5.69
CA GLY A 66 -2.75 -11.34 -4.80
C GLY A 66 -3.60 -12.28 -5.63
N GLN A 67 -4.90 -12.24 -5.40
CA GLN A 67 -5.88 -13.10 -6.05
C GLN A 67 -6.76 -12.26 -6.87
N THR A 68 -6.31 -11.06 -7.13
CA THR A 68 -7.08 -10.22 -8.03
C THR A 68 -6.63 -10.68 -9.42
N ASP A 69 -7.48 -10.53 -10.43
CA ASP A 69 -6.98 -10.75 -11.85
C ASP A 69 -5.67 -10.05 -12.18
N ALA A 70 -4.69 -10.79 -12.68
CA ALA A 70 -3.53 -10.23 -13.27
C ALA A 70 -3.62 -10.35 -14.84
N PRO A 71 -4.34 -9.44 -15.52
CA PRO A 71 -4.34 -9.44 -17.00
C PRO A 71 -2.95 -9.63 -17.59
N ASP A 72 -2.87 -10.52 -18.58
CA ASP A 72 -1.62 -10.78 -19.29
C ASP A 72 -1.07 -9.41 -19.73
N PRO A 73 0.20 -9.15 -19.44
CA PRO A 73 0.86 -7.90 -19.74
C PRO A 73 1.33 -7.80 -21.20
N ALA A 74 1.10 -8.86 -21.99
CA ALA A 74 1.20 -8.84 -23.48
C ALA A 74 0.08 -8.02 -23.98
N GLY A 75 -0.99 -7.90 -23.19
CA GLY A 75 -2.13 -7.12 -23.59
C GLY A 75 -2.59 -5.97 -22.65
N PHE A 76 -1.94 -5.80 -21.50
CA PHE A 76 -2.47 -4.86 -20.46
C PHE A 76 -1.30 -4.03 -19.97
N ALA A 77 -1.48 -2.72 -19.94
CA ALA A 77 -0.40 -1.83 -19.52
C ALA A 77 -0.51 -1.66 -17.93
N TYR A 78 0.47 -2.11 -17.19
CA TYR A 78 0.47 -1.97 -15.70
C TYR A 78 1.05 -0.59 -15.26
N THR A 79 0.27 0.42 -15.61
CA THR A 79 0.60 1.81 -15.30
C THR A 79 -0.11 2.26 -13.99
N GLN A 80 0.26 3.44 -13.47
CA GLN A 80 -0.31 3.91 -12.21
C GLN A 80 -1.72 4.24 -12.47
N ALA A 81 -2.00 4.74 -13.66
CA ALA A 81 -3.35 5.09 -13.97
C ALA A 81 -4.25 3.86 -13.94
N ALA A 82 -3.65 2.73 -14.29
CA ALA A 82 -4.40 1.45 -14.25
C ALA A 82 -4.77 1.14 -12.77
N ARG A 83 -3.81 1.28 -11.85
CA ARG A 83 -4.17 1.02 -10.42
C ARG A 83 -5.20 1.97 -9.87
N THR A 84 -5.08 3.25 -10.25
CA THR A 84 -5.96 4.25 -9.73
C THR A 84 -7.38 4.01 -10.15
N ASP A 85 -7.55 3.72 -11.44
CA ASP A 85 -8.87 3.49 -11.98
C ASP A 85 -9.49 2.19 -11.42
N HIS A 86 -8.65 1.20 -11.20
CA HIS A 86 -9.14 -0.01 -10.52
C HIS A 86 -9.67 0.31 -9.12
N LEU A 87 -8.91 1.09 -8.31
CA LEU A 87 -9.37 1.46 -6.96
C LEU A 87 -10.67 2.15 -7.01
N ILE A 88 -10.81 3.10 -7.94
CA ILE A 88 -12.03 3.88 -8.09
C ILE A 88 -13.17 2.96 -8.45
N SER A 89 -12.89 1.95 -9.28
CA SER A 89 -13.92 1.01 -9.76
C SER A 89 -14.39 0.11 -8.60
N PHE A 90 -13.40 -0.26 -7.76
CA PHE A 90 -13.62 -1.11 -6.59
C PHE A 90 -14.51 -0.46 -5.59
N ILE A 91 -14.16 0.79 -5.27
CA ILE A 91 -14.97 1.64 -4.38
C ILE A 91 -16.39 1.77 -4.84
N LYS A 92 -16.55 2.00 -6.13
CA LYS A 92 -17.89 2.17 -6.66
C LYS A 92 -18.60 0.83 -6.72
N ALA A 93 -17.86 -0.24 -7.01
CA ALA A 93 -18.46 -1.58 -7.06
C ALA A 93 -19.12 -1.88 -5.72
N LEU A 94 -18.43 -1.60 -4.60
CA LEU A 94 -19.04 -1.89 -3.28
C LEU A 94 -20.08 -0.89 -2.87
N GLY A 95 -20.31 0.11 -3.71
CA GLY A 95 -21.30 1.12 -3.42
C GLY A 95 -20.88 2.14 -2.38
N LEU A 96 -19.66 2.10 -1.87
CA LEU A 96 -19.31 3.05 -0.82
C LEU A 96 -19.17 4.48 -1.31
N SER A 97 -19.23 5.41 -0.38
CA SER A 97 -18.65 6.71 -0.60
C SER A 97 -18.33 7.45 0.70
N LYS A 98 -17.58 8.52 0.58
CA LYS A 98 -17.04 9.17 1.73
C LYS A 98 -16.30 8.14 2.56
N ILE A 99 -15.33 7.48 1.96
CA ILE A 99 -14.57 6.49 2.70
C ILE A 99 -13.35 7.15 3.43
N CYS A 100 -12.79 6.46 4.42
CA CYS A 100 -11.44 6.67 4.88
C CYS A 100 -10.55 5.74 4.09
N LEU A 101 -9.38 6.22 3.71
CA LEU A 101 -8.52 5.48 2.78
C LEU A 101 -7.09 5.55 3.21
N ILE A 102 -6.44 4.42 3.43
CA ILE A 102 -5.04 4.34 3.76
C ILE A 102 -4.26 3.58 2.67
N GLY A 103 -3.17 4.13 2.17
CA GLY A 103 -2.19 3.43 1.26
C GLY A 103 -0.79 3.42 1.70
N ASN A 104 -0.16 2.25 1.63
CA ASN A 104 1.26 2.07 1.86
C ASN A 104 2.00 2.05 0.50
N ALA A 105 3.10 2.82 0.42
CA ALA A 105 3.97 2.92 -0.75
C ALA A 105 3.23 3.05 -2.10
N MET A 106 3.33 2.06 -2.98
CA MET A 106 2.64 2.13 -4.25
C MET A 106 1.16 2.14 -4.02
N GLY A 107 0.71 1.55 -2.94
CA GLY A 107 -0.67 1.71 -2.52
C GLY A 107 -1.02 3.17 -2.19
N GLY A 108 -0.03 3.88 -1.66
CA GLY A 108 -0.14 5.36 -1.37
C GLY A 108 -0.32 6.16 -2.64
N THR A 109 0.55 5.83 -3.60
CA THR A 109 0.43 6.35 -4.99
C THR A 109 -0.93 6.20 -5.46
N THR A 110 -1.53 5.01 -5.21
CA THR A 110 -2.86 4.72 -5.77
C THR A 110 -3.97 5.38 -5.00
N ALA A 111 -3.85 5.38 -3.66
CA ALA A 111 -4.87 6.10 -2.85
C ALA A 111 -4.92 7.62 -3.17
N CYS A 112 -3.73 8.20 -3.29
CA CYS A 112 -3.58 9.61 -3.70
C CYS A 112 -4.16 9.87 -5.08
N GLY A 113 -3.77 9.01 -6.04
CA GLY A 113 -4.41 9.00 -7.33
C GLY A 113 -5.91 9.05 -7.27
N ALA A 114 -6.55 8.20 -6.48
CA ALA A 114 -8.01 8.20 -6.40
C ALA A 114 -8.55 9.46 -5.75
N ALA A 115 -7.86 9.92 -4.71
CA ALA A 115 -8.32 11.11 -3.96
C ALA A 115 -8.29 12.34 -4.90
N LEU A 116 -7.30 12.39 -5.77
CA LEU A 116 -7.22 13.43 -6.83
C LEU A 116 -8.33 13.29 -7.86
N LYS A 117 -8.50 12.09 -8.41
CA LYS A 117 -9.43 11.88 -9.53
C LYS A 117 -10.90 11.78 -9.17
N ALA A 118 -11.22 11.12 -8.06
CA ALA A 118 -12.58 11.02 -7.58
C ALA A 118 -12.64 11.44 -6.10
N PRO A 119 -12.49 12.76 -5.81
CA PRO A 119 -12.52 13.25 -4.43
C PRO A 119 -13.84 13.04 -3.70
N GLU A 120 -14.94 12.95 -4.44
CA GLU A 120 -16.23 12.73 -3.83
C GLU A 120 -16.40 11.34 -3.14
N LEU A 121 -15.50 10.40 -3.44
CA LEU A 121 -15.56 9.09 -2.82
C LEU A 121 -14.81 9.02 -1.50
N ILE A 122 -13.94 10.00 -1.21
CA ILE A 122 -12.95 9.94 -0.13
C ILE A 122 -13.05 11.14 0.83
N ASP A 123 -13.33 10.83 2.10
CA ASP A 123 -13.46 11.87 3.10
C ASP A 123 -12.15 12.12 3.83
N ARG A 124 -11.35 11.08 4.05
CA ARG A 124 -10.04 11.23 4.63
C ARG A 124 -9.02 10.30 4.00
N LEU A 125 -7.78 10.79 3.90
CA LEU A 125 -6.71 10.07 3.28
C LEU A 125 -5.52 9.93 4.12
N VAL A 126 -5.01 8.73 4.28
CA VAL A 126 -3.73 8.50 4.93
C VAL A 126 -2.70 7.95 3.97
N LEU A 127 -1.55 8.61 3.93
CA LEU A 127 -0.43 8.22 3.11
C LEU A 127 0.69 7.75 3.98
N MET A 128 1.05 6.50 3.83
CA MET A 128 2.02 5.90 4.71
C MET A 128 3.21 5.40 3.96
N GLY A 129 4.36 5.98 4.20
CA GLY A 129 5.52 5.70 3.35
C GLY A 129 5.11 5.69 1.87
N ALA A 130 4.24 6.59 1.49
CA ALA A 130 3.57 6.66 0.18
C ALA A 130 4.50 7.13 -0.95
N ALA A 131 4.44 6.43 -2.09
CA ALA A 131 5.24 6.72 -3.28
C ALA A 131 4.61 7.87 -4.03
N VAL A 132 4.51 9.09 -3.47
CA VAL A 132 3.76 10.13 -4.16
C VAL A 132 4.70 11.22 -4.75
N ASN A 133 6.00 11.06 -4.60
CA ASN A 133 6.95 12.06 -5.13
C ASN A 133 8.30 11.41 -5.46
N ILE A 134 8.29 10.23 -6.10
CA ILE A 134 9.56 9.51 -6.32
C ILE A 134 9.77 9.56 -7.83
N SER A 135 10.83 10.25 -8.26
CA SER A 135 11.00 10.53 -9.70
C SER A 135 11.75 9.37 -10.35
N PRO A 136 11.68 9.30 -11.69
CA PRO A 136 12.52 8.35 -12.39
C PRO A 136 13.96 8.34 -11.87
N ASP A 137 14.55 9.50 -11.62
CA ASP A 137 15.95 9.57 -11.14
C ASP A 137 16.09 9.08 -9.71
N ASP A 138 15.09 9.36 -8.87
CA ASP A 138 15.02 8.82 -7.49
C ASP A 138 15.04 7.28 -7.44
N MET A 139 14.20 6.66 -8.28
CA MET A 139 14.41 5.27 -8.72
C MET A 139 15.78 5.26 -9.40
N VAL A 140 16.63 4.32 -9.05
CA VAL A 140 17.96 4.30 -9.66
C VAL A 140 19.04 4.80 -8.74
N ALA A 141 18.67 5.44 -7.65
CA ALA A 141 19.64 5.73 -6.62
C ALA A 141 19.53 4.40 -5.90
N ASN A 142 20.21 3.38 -6.41
CA ASN A 142 20.18 2.06 -5.78
C ASN A 142 21.17 1.96 -4.63
N ARG A 143 20.99 2.74 -3.60
CA ARG A 143 22.02 2.77 -2.56
C ARG A 143 22.36 1.37 -2.12
N ASP A 144 23.50 1.25 -1.43
CA ASP A 144 23.88 0.05 -0.71
C ASP A 144 22.65 -0.41 0.00
N ASP A 145 21.74 0.52 0.22
CA ASP A 145 20.64 0.29 1.12
C ASP A 145 19.62 -0.68 0.55
N LEU A 146 19.68 -0.90 -0.75
CA LEU A 146 18.75 -1.86 -1.34
C LEU A 146 19.45 -3.15 -1.81
N ALA A 147 20.67 -3.41 -1.32
CA ALA A 147 21.37 -4.69 -1.54
C ALA A 147 20.36 -5.85 -1.54
N ALA A 148 19.72 -6.11 -0.39
CA ALA A 148 18.79 -7.21 -0.27
C ALA A 148 17.59 -7.12 -1.24
N VAL A 149 16.87 -5.99 -1.26
CA VAL A 149 15.59 -5.92 -2.02
C VAL A 149 15.78 -5.99 -3.54
N MET A 150 16.92 -5.51 -4.05
CA MET A 150 17.19 -5.51 -5.51
C MET A 150 17.83 -6.81 -6.02
N SER A 151 18.75 -7.38 -5.24
CA SER A 151 19.45 -8.63 -5.61
C SER A 151 18.78 -9.89 -4.97
N TYR A 152 17.44 -9.85 -4.89
CA TYR A 152 16.64 -10.91 -4.29
C TYR A 152 16.77 -12.20 -5.11
N ASP A 153 17.44 -13.21 -4.52
CA ASP A 153 17.78 -14.46 -5.22
C ASP A 153 16.55 -15.37 -5.52
N GLY A 154 15.45 -15.16 -4.82
CA GLY A 154 14.24 -15.97 -4.98
C GLY A 154 14.14 -17.03 -3.89
N SER A 155 15.10 -17.04 -2.96
CA SER A 155 15.14 -17.96 -1.83
C SER A 155 14.50 -17.42 -0.53
N GLU A 156 14.15 -18.37 0.33
CA GLU A 156 13.67 -18.09 1.67
C GLU A 156 14.58 -17.14 2.45
N GLU A 157 15.89 -17.38 2.42
CA GLU A 157 16.87 -16.65 3.24
C GLU A 157 17.12 -15.28 2.59
N GLY A 158 16.84 -15.18 1.29
CA GLY A 158 16.72 -13.93 0.59
C GLY A 158 15.54 -13.11 1.07
N MET A 159 14.37 -13.74 1.23
CA MET A 159 13.19 -13.05 1.74
C MET A 159 13.41 -12.55 3.17
N ARG A 160 14.09 -13.33 4.00
CA ARG A 160 14.41 -12.85 5.33
C ARG A 160 15.24 -11.57 5.28
N LYS A 161 16.08 -11.43 4.26
CA LYS A 161 16.93 -10.25 4.13
C LYS A 161 16.16 -9.03 3.70
N ILE A 162 15.20 -9.21 2.79
CA ILE A 162 14.32 -8.19 2.37
C ILE A 162 13.43 -7.68 3.52
N ILE A 163 13.00 -8.60 4.39
CA ILE A 163 12.13 -8.21 5.50
C ILE A 163 12.97 -7.43 6.50
N ALA A 164 14.16 -7.93 6.76
CA ALA A 164 15.11 -7.27 7.64
C ALA A 164 15.62 -5.91 7.08
N ALA A 165 15.59 -5.70 5.75
CA ALA A 165 15.93 -4.37 5.18
C ALA A 165 14.73 -3.42 5.34
N LEU A 166 13.52 -3.94 5.16
CA LEU A 166 12.36 -3.05 5.11
C LEU A 166 11.83 -2.65 6.51
N THR A 167 12.41 -3.20 7.58
CA THR A 167 11.90 -2.99 8.92
C THR A 167 13.04 -2.67 9.84
N HIS A 168 12.75 -2.20 11.05
CA HIS A 168 13.83 -1.75 11.93
C HIS A 168 14.23 -2.85 12.87
N SER A 169 13.31 -3.39 13.64
CA SER A 169 13.72 -4.51 14.50
C SER A 169 12.70 -5.66 14.50
N TYR A 170 11.92 -5.75 13.45
CA TYR A 170 10.88 -6.73 13.41
C TYR A 170 11.43 -8.11 13.05
N GLN A 171 10.85 -9.14 13.62
CA GLN A 171 11.34 -10.48 13.53
C GLN A 171 10.11 -11.33 13.07
N PRO A 172 9.98 -11.55 11.76
CA PRO A 172 8.78 -12.22 11.22
C PRO A 172 8.73 -13.68 11.65
N THR A 173 7.53 -14.23 11.81
CA THR A 173 7.44 -15.67 12.14
C THR A 173 7.76 -16.50 10.88
N ASP A 174 8.11 -17.77 11.09
CA ASP A 174 8.38 -18.70 9.97
C ASP A 174 7.27 -18.76 8.95
N ASP A 175 6.03 -18.72 9.40
CA ASP A 175 4.91 -18.80 8.50
C ASP A 175 4.78 -17.56 7.63
N ILE A 176 5.13 -16.40 8.19
CA ILE A 176 5.08 -15.16 7.44
C ILE A 176 6.23 -15.23 6.45
N VAL A 177 7.39 -15.70 6.88
CA VAL A 177 8.48 -15.75 5.92
C VAL A 177 8.08 -16.69 4.77
N HIS A 178 7.47 -17.82 5.12
CA HIS A 178 7.09 -18.79 4.12
CA HIS A 178 7.07 -18.79 4.12
C HIS A 178 6.03 -18.22 3.18
N TYR A 179 5.03 -17.54 3.74
CA TYR A 179 3.95 -17.04 2.92
C TYR A 179 4.39 -15.93 1.89
N ARG A 180 5.32 -15.11 2.36
CA ARG A 180 5.87 -14.00 1.55
C ARG A 180 6.83 -14.59 0.48
N HIS A 181 7.73 -15.49 0.87
CA HIS A 181 8.51 -16.30 -0.12
C HIS A 181 7.64 -16.89 -1.22
N GLU A 182 6.65 -17.68 -0.87
CA GLU A 182 5.82 -18.26 -1.89
C GLU A 182 5.15 -17.24 -2.73
N ALA A 183 4.52 -16.25 -2.10
CA ALA A 183 3.66 -15.34 -2.86
C ALA A 183 4.51 -14.57 -3.88
N SER A 184 5.77 -14.39 -3.57
CA SER A 184 6.72 -13.71 -4.40
C SER A 184 7.10 -14.47 -5.67
N LEU A 185 6.68 -15.75 -5.79
CA LEU A 185 6.99 -16.61 -6.95
C LEU A 185 5.72 -17.08 -7.59
N ARG A 186 4.58 -16.65 -7.12
CA ARG A 186 3.36 -17.08 -7.75
C ARG A 186 3.38 -16.78 -9.27
N PRO A 187 3.36 -17.82 -10.10
CA PRO A 187 3.25 -17.70 -11.55
C PRO A 187 2.24 -16.70 -12.08
N THR A 188 1.02 -16.73 -11.54
CA THR A 188 -0.07 -15.84 -11.99
C THR A 188 0.23 -14.36 -12.05
N THR A 189 1.18 -13.89 -11.21
CA THR A 189 1.32 -12.48 -10.81
C THR A 189 2.79 -12.03 -10.92
N THR A 190 3.69 -12.94 -11.23
CA THR A 190 5.05 -12.61 -11.54
C THR A 190 5.21 -11.76 -12.77
N ALA A 191 4.40 -12.05 -13.80
CA ALA A 191 4.53 -11.35 -15.03
C ALA A 191 4.04 -9.94 -14.79
N ALA A 192 2.88 -9.83 -14.11
CA ALA A 192 2.22 -8.57 -13.86
C ALA A 192 3.15 -7.74 -13.00
N TYR A 193 3.89 -8.40 -12.11
CA TYR A 193 4.83 -7.74 -11.24
C TYR A 193 5.97 -7.13 -12.03
N LYS A 194 6.67 -7.93 -12.83
CA LYS A 194 7.76 -7.42 -13.66
C LYS A 194 7.30 -6.25 -14.52
N ALA A 195 6.07 -6.26 -15.00
CA ALA A 195 5.52 -5.11 -15.76
C ALA A 195 5.26 -3.87 -14.87
N THR A 196 4.62 -4.08 -13.73
CA THR A 196 4.36 -3.04 -12.75
C THR A 196 5.65 -2.30 -12.35
N MET A 197 6.70 -3.03 -12.00
CA MET A 197 7.98 -2.47 -11.56
C MET A 197 8.77 -1.84 -12.72
N GLY A 198 8.66 -2.45 -13.90
CA GLY A 198 9.30 -1.87 -15.10
C GLY A 198 8.76 -0.51 -15.40
N TRP A 199 7.44 -0.36 -15.41
CA TRP A 199 6.80 0.89 -15.63
C TRP A 199 7.14 1.93 -14.54
N ALA A 200 7.19 1.46 -13.28
CA ALA A 200 7.46 2.34 -12.13
C ALA A 200 8.85 2.86 -12.26
N LYS A 201 9.80 1.96 -12.47
CA LYS A 201 11.20 2.37 -12.56
C LYS A 201 11.39 3.38 -13.70
N GLN A 202 10.64 3.24 -14.77
CA GLN A 202 10.81 4.13 -15.91
C GLN A 202 10.14 5.45 -15.79
N ASN A 203 8.98 5.47 -15.14
CA ASN A 203 8.13 6.62 -15.07
C ASN A 203 8.04 7.26 -13.69
N GLY A 204 8.73 6.70 -12.72
CA GLY A 204 8.50 7.01 -11.33
C GLY A 204 7.07 6.92 -10.81
N LEU A 205 6.94 7.14 -9.48
CA LEU A 205 5.64 7.12 -8.80
C LEU A 205 5.51 8.51 -8.15
N TYR A 206 4.72 9.38 -8.80
CA TYR A 206 4.96 10.80 -8.77
C TYR A 206 3.67 11.53 -8.98
N TYR A 207 3.39 12.53 -8.13
CA TYR A 207 2.47 13.60 -8.49
C TYR A 207 3.21 14.97 -8.33
N SER A 208 2.70 15.98 -9.02
CA SER A 208 3.40 17.29 -9.03
C SER A 208 3.14 18.00 -7.71
N PRO A 209 4.07 18.84 -7.27
CA PRO A 209 3.79 19.75 -6.12
C PRO A 209 2.42 20.41 -6.23
N GLU A 210 2.01 20.79 -7.42
CA GLU A 210 0.72 21.41 -7.62
C GLU A 210 -0.44 20.41 -7.48
N GLN A 211 -0.23 19.18 -7.96
CA GLN A 211 -1.28 18.14 -7.75
C GLN A 211 -1.49 17.90 -6.26
N LEU A 212 -0.39 17.71 -5.57
CA LEU A 212 -0.39 17.41 -4.17
C LEU A 212 -1.12 18.50 -3.36
N ALA A 213 -0.84 19.78 -3.66
CA ALA A 213 -1.53 20.92 -3.02
C ALA A 213 -2.97 20.98 -3.37
N SER A 214 -3.38 20.25 -4.40
CA SER A 214 -4.78 20.29 -4.81
C SER A 214 -5.67 19.27 -4.14
N LEU A 215 -5.12 18.40 -3.32
CA LEU A 215 -5.98 17.45 -2.59
C LEU A 215 -7.05 18.21 -1.79
N THR A 216 -8.31 17.80 -1.89
CA THR A 216 -9.40 18.53 -1.27
C THR A 216 -9.94 18.01 0.07
N MET A 217 -9.33 16.99 0.65
CA MET A 217 -9.84 16.42 1.93
C MET A 217 -8.72 16.36 2.94
N PRO A 218 -9.06 16.14 4.19
CA PRO A 218 -7.96 16.05 5.15
C PRO A 218 -6.99 14.90 4.88
N VAL A 219 -5.73 15.10 5.20
CA VAL A 219 -4.66 14.20 4.89
C VAL A 219 -3.84 14.00 6.11
N LEU A 220 -3.53 12.74 6.38
CA LEU A 220 -2.57 12.36 7.33
C LEU A 220 -1.39 11.71 6.65
N VAL A 221 -0.18 12.15 6.93
CA VAL A 221 1.04 11.59 6.38
C VAL A 221 1.90 10.97 7.42
N LEU A 222 2.26 9.69 7.23
CA LEU A 222 3.00 8.91 8.20
C LEU A 222 4.26 8.39 7.62
N GLY A 223 5.29 8.22 8.44
CA GLY A 223 6.46 7.56 7.93
C GLY A 223 7.32 7.09 9.02
N GLY A 224 8.04 6.03 8.71
CA GLY A 224 9.10 5.51 9.57
C GLY A 224 10.36 6.29 9.34
N LYS A 225 11.07 6.62 10.44
CA LYS A 225 12.22 7.50 10.34
C LYS A 225 13.38 6.76 9.70
N ASN A 226 13.42 5.44 9.92
CA ASN A 226 14.43 4.54 9.37
C ASN A 226 14.05 3.81 8.08
N ASP A 227 13.10 4.34 7.34
CA ASP A 227 12.51 3.65 6.22
C ASP A 227 13.51 3.84 5.09
N VAL A 228 13.95 2.73 4.51
CA VAL A 228 15.09 2.69 3.59
C VAL A 228 14.59 2.76 2.15
N MET A 229 13.29 2.71 1.96
CA MET A 229 12.69 2.66 0.67
C MET A 229 12.04 3.95 0.21
N VAL A 230 11.30 4.59 1.14
CA VAL A 230 10.72 5.91 0.88
C VAL A 230 11.34 6.62 2.07
N PRO A 231 12.46 7.30 1.82
CA PRO A 231 13.26 7.87 2.88
C PRO A 231 12.49 8.96 3.62
N VAL A 232 12.79 9.12 4.92
CA VAL A 232 12.02 10.11 5.77
C VAL A 232 11.96 11.50 5.11
N ARG A 233 13.06 11.91 4.44
CA ARG A 233 13.05 13.21 3.74
C ARG A 233 11.97 13.35 2.70
N LYS A 234 11.66 12.26 1.97
CA LYS A 234 10.53 12.36 1.04
C LYS A 234 9.18 12.42 1.76
N VAL A 235 9.03 11.68 2.87
CA VAL A 235 7.77 11.79 3.66
C VAL A 235 7.59 13.24 4.21
N ILE A 236 8.69 13.87 4.64
CA ILE A 236 8.67 15.30 5.08
C ILE A 236 8.29 16.22 3.96
N ASP A 237 8.84 15.98 2.76
CA ASP A 237 8.49 16.79 1.63
C ASP A 237 7.03 16.71 1.44
N GLN A 238 6.42 15.51 1.64
CA GLN A 238 4.97 15.41 1.38
C GLN A 238 4.20 16.18 2.42
N ILE A 239 4.67 16.07 3.65
CA ILE A 239 4.02 16.87 4.76
C ILE A 239 4.04 18.38 4.40
N LEU A 240 5.18 18.86 3.90
CA LEU A 240 5.29 20.28 3.48
C LEU A 240 4.65 20.60 2.14
N ALA A 241 4.44 19.63 1.26
CA ALA A 241 3.80 19.91 -0.06
C ALA A 241 2.32 19.90 0.02
N ILE A 242 1.76 19.24 1.06
CA ILE A 242 0.31 19.16 1.15
C ILE A 242 -0.06 20.02 2.35
N PRO A 243 -0.67 21.19 2.08
CA PRO A 243 -0.94 22.22 3.08
C PRO A 243 -1.70 21.72 4.32
N GLN A 244 -2.87 21.14 4.10
CA GLN A 244 -3.69 20.63 5.20
C GLN A 244 -3.15 19.42 5.87
N ALA A 245 -2.00 18.87 5.46
CA ALA A 245 -1.60 17.55 5.97
C ALA A 245 -1.02 17.55 7.37
N ILE A 246 -1.50 16.60 8.17
CA ILE A 246 -0.91 16.33 9.45
C ILE A 246 0.25 15.44 9.17
N GLY A 247 1.31 15.55 9.94
CA GLY A 247 2.46 14.72 9.77
C GLY A 247 2.88 14.02 11.02
N HIS A 248 3.22 12.74 10.91
CA HIS A 248 3.61 11.95 12.03
C HIS A 248 4.74 11.03 11.62
N VAL A 249 5.86 11.15 12.31
CA VAL A 249 7.05 10.34 12.05
C VAL A 249 7.38 9.48 13.21
N PHE A 250 7.53 8.17 12.97
CA PHE A 250 7.74 7.15 13.97
C PHE A 250 9.23 6.86 14.02
N PRO A 251 9.81 6.80 15.20
CA PRO A 251 11.18 6.42 15.37
C PRO A 251 11.32 4.87 15.51
N ASN A 252 12.55 4.40 15.36
CA ASN A 252 12.89 2.98 15.34
C ASN A 252 11.90 2.17 14.46
N CYS A 253 11.76 2.63 13.23
CA CYS A 253 10.72 2.14 12.38
C CYS A 253 11.11 2.27 10.93
N GLY A 254 10.93 1.14 10.20
CA GLY A 254 11.26 1.04 8.79
C GLY A 254 10.05 1.36 7.97
N HIS A 255 9.89 0.66 6.86
CA HIS A 255 8.88 1.01 5.91
C HIS A 255 7.52 0.42 6.31
N TRP A 256 7.47 -0.53 7.21
CA TRP A 256 6.21 -1.18 7.45
C TRP A 256 5.59 -0.76 8.76
N VAL A 257 5.11 0.47 8.81
CA VAL A 257 4.60 1.01 10.04
C VAL A 257 3.49 0.14 10.58
N MET A 258 2.52 -0.16 9.74
CA MET A 258 1.37 -0.94 10.16
C MET A 258 1.73 -2.27 10.76
N ILE A 259 2.91 -2.78 10.46
CA ILE A 259 3.31 -4.07 10.92
C ILE A 259 4.25 -3.93 12.08
N GLU A 260 5.11 -2.94 12.02
CA GLU A 260 6.11 -2.80 13.06
C GLU A 260 5.54 -2.20 14.34
N TYR A 261 4.50 -1.37 14.21
CA TYR A 261 3.77 -0.68 15.37
C TYR A 261 2.29 -0.66 15.12
N PRO A 262 1.67 -1.83 15.13
CA PRO A 262 0.27 -1.97 14.71
C PRO A 262 -0.70 -1.16 15.53
N GLU A 263 -0.46 -1.17 16.82
CA GLU A 263 -1.24 -0.47 17.79
C GLU A 263 -1.19 1.03 17.56
N GLU A 264 -0.01 1.58 17.59
CA GLU A 264 0.16 3.03 17.34
C GLU A 264 -0.31 3.42 15.98
N PHE A 265 -0.08 2.59 14.93
CA PHE A 265 -0.60 2.92 13.59
C PHE A 265 -2.11 3.02 13.64
N CYS A 266 -2.73 2.04 14.29
CA CYS A 266 -4.19 2.02 14.35
C CYS A 266 -4.78 3.20 15.18
N THR A 267 -4.15 3.45 16.33
CA THR A 267 -4.56 4.62 17.20
C THR A 267 -4.46 5.93 16.46
N GLN A 268 -3.31 6.24 15.88
CA GLN A 268 -3.23 7.54 15.19
C GLN A 268 -4.19 7.67 14.03
N THR A 269 -4.36 6.58 13.23
CA THR A 269 -5.28 6.72 12.11
C THR A 269 -6.74 6.76 12.55
N LEU A 270 -7.11 5.91 13.52
CA LEU A 270 -8.51 5.96 14.01
C LEU A 270 -8.82 7.31 14.62
N HIS A 271 -7.87 7.84 15.36
CA HIS A 271 -8.08 9.19 15.93
C HIS A 271 -8.31 10.21 14.84
N PHE A 272 -7.51 10.15 13.78
CA PHE A 272 -7.70 11.06 12.63
C PHE A 272 -9.06 10.86 11.91
N PHE A 273 -9.52 9.63 11.88
CA PHE A 273 -10.84 9.34 11.34
C PHE A 273 -11.96 9.74 12.30
N GLY A 274 -11.66 10.15 13.54
CA GLY A 274 -12.74 10.54 14.46
C GLY A 274 -13.44 9.35 15.08
N LYS A 275 -12.70 8.27 15.32
CA LYS A 275 -13.25 7.09 16.00
C LYS A 275 -12.63 6.88 17.39
N LEU A 276 -11.96 7.89 17.95
CA LEU A 276 -11.35 7.77 19.30
C LEU A 276 -11.48 9.09 20.16
#